data_8TXF
#
_entry.id   8TXF
#
_cell.length_a   57.796
_cell.length_b   119.903
_cell.length_c   46.434
_cell.angle_alpha   90.000
_cell.angle_beta   90.000
_cell.angle_gamma   90.000
#
_symmetry.space_group_name_H-M   'P 21 21 2'
#
loop_
_entity.id
_entity.type
_entity.pdbx_description
1 polymer 'Avirulence protein B'
2 polymer RIN4
3 non-polymer 1,2-ETHANEDIOL
4 non-polymer 2-AMINO-2-HYDROXYMETHYL-PROPANE-1,3-DIOL
5 water water
#
loop_
_entity_poly.entity_id
_entity_poly.type
_entity_poly.pdbx_seq_one_letter_code
_entity_poly.pdbx_strand_id
1 'polypeptide(L)'
;AHMGCVSSKSTTVLSPQTSFNEASRTSFRALPGPSQRQLEVYDQCLIGAARWPDDSSKSNTPENRAYCQSMYNSIRSAGD
EISRGGITSFEELWGRATEWRLSKLQRGEPLYSAFASERTSDTDAVTPLVKPYKSVLARVVDHEDAHDEIMQDNLFGDLN
VKVYRQTAYLHGNVIPLNTFRVATDTEYLRDRVAHLRTELGAKALKQHLQRYNPDRIDHTNASYLPIIKDHLNDLYRQAI
SSDLSQAELISLIARTHWWAASAMPDQRGSAAKAEFAARAIASAHGIELPPFRNGNVSDIEAMLSGEEEFVEKYRSLLDS
DCF
;
A
2 'polypeptide(L)' APKFGDWDENNPSSADGYTHIFNKVRDEVD B
#
loop_
_chem_comp.id
_chem_comp.type
_chem_comp.name
_chem_comp.formula
EDO non-polymer 1,2-ETHANEDIOL 'C2 H6 O2'
TRS non-polymer 2-AMINO-2-HYDROXYMETHYL-PROPANE-1,3-DIOL 'C4 H12 N O3 1'
#
# COMPACT_ATOMS: atom_id res chain seq x y z
N PHE A 28 -28.34 -14.45 4.57
CA PHE A 28 -27.78 -13.12 4.64
C PHE A 28 -28.89 -12.11 4.93
N ARG A 29 -28.64 -11.21 5.87
CA ARG A 29 -29.60 -10.19 6.27
C ARG A 29 -29.17 -8.85 5.72
N ALA A 30 -30.10 -8.15 5.06
CA ALA A 30 -29.78 -6.84 4.49
C ALA A 30 -29.21 -5.93 5.58
N LEU A 31 -28.23 -5.14 5.20
CA LEU A 31 -27.56 -4.17 6.03
C LEU A 31 -28.11 -2.79 5.74
N PRO A 32 -27.81 -1.80 6.59
CA PRO A 32 -28.42 -0.47 6.40
C PRO A 32 -27.99 0.23 5.11
N GLY A 33 -26.82 -0.08 4.58
CA GLY A 33 -26.33 0.62 3.42
C GLY A 33 -25.73 1.96 3.79
N PRO A 34 -25.19 2.65 2.79
CA PRO A 34 -24.44 3.89 3.05
C PRO A 34 -25.26 4.94 3.79
N SER A 35 -24.56 5.70 4.64
CA SER A 35 -25.21 6.71 5.44
C SER A 35 -25.83 7.79 4.58
N GLN A 36 -27.00 8.26 4.99
CA GLN A 36 -27.59 9.40 4.31
C GLN A 36 -26.92 10.71 4.69
N ARG A 37 -26.32 10.77 5.87
CA ARG A 37 -25.49 11.90 6.27
C ARG A 37 -24.10 11.69 5.73
N GLN A 38 -23.71 12.51 4.77
CA GLN A 38 -22.47 12.32 4.04
C GLN A 38 -21.34 13.20 4.57
N LEU A 39 -20.11 12.73 4.35
CA LEU A 39 -18.96 13.61 4.52
C LEU A 39 -19.18 14.91 3.75
N GLU A 40 -18.62 15.99 4.30
CA GLU A 40 -18.56 17.23 3.52
C GLU A 40 -17.73 17.01 2.25
N VAL A 41 -18.00 17.82 1.25
CA VAL A 41 -17.33 17.67 -0.04
C VAL A 41 -15.82 17.75 0.13
N TYR A 42 -15.33 18.63 1.00
CA TYR A 42 -13.90 18.77 1.22
C TYR A 42 -13.30 17.42 1.61
N ASP A 43 -14.01 16.67 2.46
CA ASP A 43 -13.54 15.36 2.90
C ASP A 43 -13.74 14.28 1.83
N GLN A 44 -14.83 14.32 1.06
CA GLN A 44 -15.00 13.39 -0.03
C GLN A 44 -13.79 13.46 -0.96
N CYS A 45 -13.25 14.66 -1.13
CA CYS A 45 -12.17 14.89 -2.07
C CYS A 45 -10.81 14.53 -1.52
N LEU A 46 -10.79 13.92 -0.34
CA LEU A 46 -9.58 13.34 0.23
C LEU A 46 -9.65 11.82 0.40
N ILE A 47 -10.77 11.21 0.04
CA ILE A 47 -10.90 9.76 0.13
C ILE A 47 -10.00 9.13 -0.93
N GLY A 48 -9.06 8.29 -0.50
CA GLY A 48 -8.15 7.71 -1.45
C GLY A 48 -6.89 8.52 -1.70
N ALA A 49 -6.74 9.65 -1.03
CA ALA A 49 -5.55 10.49 -1.21
C ALA A 49 -4.34 9.84 -0.55
N ALA A 50 -3.16 10.09 -1.11
CA ALA A 50 -1.89 9.68 -0.51
C ALA A 50 -1.27 10.96 0.07
N ARG A 51 -1.57 11.22 1.34
CA ARG A 51 -1.22 12.49 1.97
C ARG A 51 0.16 12.36 2.63
N TRP A 52 1.18 12.32 1.78
CA TRP A 52 2.53 12.14 2.28
C TRP A 52 2.90 13.31 3.19
N PRO A 53 3.60 13.07 4.29
CA PRO A 53 3.93 14.19 5.20
C PRO A 53 4.89 15.19 4.60
N ASP A 54 5.63 14.83 3.55
CA ASP A 54 6.58 15.72 2.91
C ASP A 54 6.05 16.33 1.62
N ASP A 55 4.79 16.10 1.29
CA ASP A 55 4.24 16.64 0.07
C ASP A 55 2.76 16.29 -0.09
N SER A 56 1.91 16.99 0.66
CA SER A 56 0.47 16.87 0.47
C SER A 56 -0.05 17.86 -0.56
N SER A 57 0.85 18.43 -1.38
CA SER A 57 0.42 19.34 -2.43
C SER A 57 -0.48 18.65 -3.43
N LYS A 58 -0.15 17.39 -3.78
CA LYS A 58 -0.95 16.67 -4.77
C LYS A 58 -2.40 16.51 -4.31
N SER A 59 -2.63 16.42 -3.00
CA SER A 59 -4.00 16.25 -2.51
C SER A 59 -4.85 17.50 -2.76
N ASN A 60 -4.24 18.64 -3.05
CA ASN A 60 -5.01 19.85 -3.31
C ASN A 60 -5.26 20.11 -4.79
N THR A 61 -4.74 19.26 -5.69
CA THR A 61 -4.92 19.58 -7.10
C THR A 61 -6.33 19.24 -7.57
N PRO A 62 -6.83 19.91 -8.61
CA PRO A 62 -8.17 19.57 -9.09
C PRO A 62 -8.32 18.13 -9.52
N GLU A 63 -7.31 17.56 -10.17
CA GLU A 63 -7.42 16.20 -10.67
C GLU A 63 -7.43 15.20 -9.52
N ASN A 64 -6.65 15.44 -8.47
CA ASN A 64 -6.67 14.53 -7.34
C ASN A 64 -7.97 14.65 -6.56
N ARG A 65 -8.49 15.86 -6.40
CA ARG A 65 -9.78 16.00 -5.73
C ARG A 65 -10.86 15.27 -6.49
N ALA A 66 -10.84 15.32 -7.81
CA ALA A 66 -11.86 14.64 -8.61
C ALA A 66 -11.69 13.11 -8.53
N TYR A 67 -10.45 12.63 -8.55
CA TYR A 67 -10.19 11.21 -8.38
C TYR A 67 -10.76 10.73 -7.05
N CYS A 68 -10.49 11.47 -6.00
CA CYS A 68 -10.93 11.07 -4.66
C CYS A 68 -12.44 11.09 -4.54
N GLN A 69 -13.09 12.15 -5.03
CA GLN A 69 -14.53 12.19 -4.93
C GLN A 69 -15.16 11.05 -5.74
N SER A 70 -14.57 10.73 -6.88
CA SER A 70 -15.02 9.58 -7.65
C SER A 70 -14.87 8.30 -6.85
N MET A 71 -13.75 8.12 -6.16
CA MET A 71 -13.59 6.94 -5.32
C MET A 71 -14.68 6.89 -4.25
N TYR A 72 -14.92 8.02 -3.59
CA TYR A 72 -15.96 8.11 -2.56
C TYR A 72 -17.31 7.65 -3.09
N ASN A 73 -17.73 8.16 -4.25
CA ASN A 73 -19.03 7.78 -4.78
C ASN A 73 -19.06 6.31 -5.19
N SER A 74 -17.98 5.81 -5.78
CA SER A 74 -17.97 4.42 -6.19
C SER A 74 -17.95 3.48 -5.00
N ILE A 75 -17.27 3.86 -3.93
CA ILE A 75 -17.29 3.09 -2.69
C ILE A 75 -18.72 2.95 -2.20
N ARG A 76 -19.47 4.04 -2.20
CA ARG A 76 -20.84 4.00 -1.71
C ARG A 76 -21.73 3.18 -2.62
N SER A 77 -21.52 3.27 -3.94
CA SER A 77 -22.27 2.43 -4.84
C SER A 77 -22.02 0.94 -4.59
N ALA A 78 -20.76 0.58 -4.33
CA ALA A 78 -20.45 -0.79 -3.95
C ALA A 78 -21.05 -1.15 -2.60
N GLY A 79 -21.02 -0.23 -1.64
CA GLY A 79 -21.64 -0.50 -0.34
C GLY A 79 -23.13 -0.74 -0.46
N ASP A 80 -23.80 -0.01 -1.34
CA ASP A 80 -25.20 -0.30 -1.63
C ASP A 80 -25.36 -1.77 -1.98
N GLU A 81 -24.51 -2.27 -2.87
CA GLU A 81 -24.64 -3.62 -3.35
C GLU A 81 -24.28 -4.65 -2.30
N ILE A 82 -23.23 -4.38 -1.53
CA ILE A 82 -22.91 -5.27 -0.42
C ILE A 82 -24.09 -5.40 0.51
N SER A 83 -24.73 -4.29 0.84
CA SER A 83 -25.82 -4.29 1.81
C SER A 83 -27.01 -5.09 1.35
N ARG A 84 -27.15 -5.34 0.04
CA ARG A 84 -28.26 -6.09 -0.54
C ARG A 84 -27.87 -7.53 -0.85
N GLY A 85 -26.65 -7.93 -0.55
CA GLY A 85 -26.24 -9.28 -0.86
C GLY A 85 -25.77 -9.47 -2.28
N GLY A 86 -25.47 -8.38 -3.00
CA GLY A 86 -25.07 -8.45 -4.39
C GLY A 86 -23.59 -8.65 -4.63
N ILE A 87 -22.76 -8.56 -3.59
CA ILE A 87 -21.32 -8.81 -3.69
C ILE A 87 -21.00 -9.89 -2.67
N THR A 88 -20.75 -11.10 -3.13
CA THR A 88 -20.76 -12.23 -2.21
C THR A 88 -19.40 -12.65 -1.72
N SER A 89 -18.32 -12.11 -2.25
CA SER A 89 -16.99 -12.50 -1.82
C SER A 89 -16.06 -11.29 -1.84
N PHE A 90 -14.97 -11.40 -1.09
CA PHE A 90 -13.96 -10.36 -1.15
C PHE A 90 -13.36 -10.26 -2.54
N GLU A 91 -13.16 -11.39 -3.20
CA GLU A 91 -12.65 -11.36 -4.57
C GLU A 91 -13.55 -10.52 -5.47
N GLU A 92 -14.87 -10.65 -5.33
CA GLU A 92 -15.76 -9.84 -6.14
C GLU A 92 -15.66 -8.35 -5.78
N LEU A 93 -15.54 -8.04 -4.50
CA LEU A 93 -15.40 -6.65 -4.09
C LEU A 93 -14.09 -6.06 -4.63
N TRP A 94 -13.03 -6.84 -4.59
CA TRP A 94 -11.76 -6.39 -5.13
C TRP A 94 -11.86 -6.16 -6.62
N GLY A 95 -12.64 -6.99 -7.31
CA GLY A 95 -12.84 -6.78 -8.72
C GLY A 95 -13.55 -5.46 -9.00
N ARG A 96 -14.53 -5.10 -8.16
CA ARG A 96 -15.23 -3.83 -8.31
C ARG A 96 -14.27 -2.67 -8.06
N ALA A 97 -13.41 -2.79 -7.05
CA ALA A 97 -12.42 -1.77 -6.79
C ALA A 97 -11.46 -1.63 -7.98
N THR A 98 -11.08 -2.76 -8.57
CA THR A 98 -10.19 -2.74 -9.74
C THR A 98 -10.86 -2.11 -10.94
N GLU A 99 -12.13 -2.44 -11.19
CA GLU A 99 -12.86 -1.80 -12.28
C GLU A 99 -12.87 -0.29 -12.10
N TRP A 100 -13.15 0.16 -10.88
CA TRP A 100 -13.11 1.59 -10.59
C TRP A 100 -11.72 2.17 -10.88
N ARG A 101 -10.68 1.54 -10.36
CA ARG A 101 -9.34 2.10 -10.52
C ARG A 101 -8.92 2.17 -11.99
N LEU A 102 -9.26 1.14 -12.75
CA LEU A 102 -8.94 1.13 -14.17
C LEU A 102 -9.66 2.24 -14.91
N SER A 103 -10.89 2.55 -14.50
CA SER A 103 -11.69 3.56 -15.18
C SER A 103 -11.08 4.95 -15.05
N LYS A 104 -10.21 5.17 -14.06
CA LYS A 104 -9.58 6.46 -13.86
C LYS A 104 -8.30 6.64 -14.68
N LEU A 105 -7.79 5.59 -15.29
CA LEU A 105 -6.62 5.73 -16.15
C LEU A 105 -6.98 6.41 -17.47
N GLN A 106 -6.01 7.11 -18.04
CA GLN A 106 -6.23 7.75 -19.34
C GLN A 106 -6.34 6.70 -20.44
N ARG A 107 -7.04 7.05 -21.52
CA ARG A 107 -7.20 6.15 -22.65
C ARG A 107 -5.83 5.84 -23.25
N GLY A 108 -5.53 4.55 -23.38
CA GLY A 108 -4.23 4.16 -23.89
C GLY A 108 -3.12 4.08 -22.87
N GLU A 109 -3.43 4.25 -21.59
CA GLU A 109 -2.43 4.17 -20.54
C GLU A 109 -1.64 2.88 -20.66
N PRO A 110 -0.30 2.94 -20.80
CA PRO A 110 0.47 1.69 -20.93
C PRO A 110 0.49 0.85 -19.66
N LEU A 111 0.20 1.43 -18.51
CA LEU A 111 0.14 0.67 -17.26
C LEU A 111 -1.17 -0.09 -17.07
N TYR A 112 -2.10 -0.08 -18.03
CA TYR A 112 -3.42 -0.67 -17.82
C TYR A 112 -3.32 -2.13 -17.38
N SER A 113 -2.53 -2.93 -18.08
CA SER A 113 -2.41 -4.36 -17.77
C SER A 113 -1.93 -4.57 -16.35
N ALA A 114 -0.98 -3.77 -15.92
CA ALA A 114 -0.46 -3.92 -14.58
C ALA A 114 -1.53 -3.61 -13.54
N PHE A 115 -2.31 -2.55 -13.74
CA PHE A 115 -3.39 -2.21 -12.81
C PHE A 115 -4.51 -3.23 -12.87
N ALA A 116 -4.60 -4.02 -13.92
CA ALA A 116 -5.66 -5.00 -14.07
C ALA A 116 -5.30 -6.37 -13.55
N SER A 117 -4.04 -6.61 -13.18
CA SER A 117 -3.53 -7.96 -13.02
C SER A 117 -3.03 -8.26 -11.62
N GLU A 118 -3.38 -9.45 -11.13
CA GLU A 118 -2.79 -10.00 -9.94
C GLU A 118 -1.33 -10.33 -10.19
N ARG A 119 -0.55 -10.29 -9.12
CA ARG A 119 0.84 -10.74 -9.20
C ARG A 119 0.89 -12.25 -9.25
N THR A 120 1.76 -12.76 -10.11
CA THR A 120 1.92 -14.19 -10.30
C THR A 120 3.12 -14.73 -9.53
N SER A 121 3.05 -16.02 -9.19
CA SER A 121 4.00 -16.63 -8.28
C SER A 121 5.39 -16.82 -8.87
N ASP A 122 5.55 -16.58 -10.18
CA ASP A 122 6.85 -16.57 -10.85
C ASP A 122 7.59 -15.25 -10.73
N THR A 123 7.06 -14.28 -9.98
CA THR A 123 7.62 -12.95 -9.93
C THR A 123 7.86 -12.47 -8.50
N ASP A 124 8.79 -11.52 -8.37
CA ASP A 124 9.04 -10.71 -7.19
C ASP A 124 8.54 -9.29 -7.45
N ALA A 125 8.22 -8.54 -6.41
CA ALA A 125 7.78 -7.17 -6.53
C ALA A 125 8.58 -6.30 -5.59
N VAL A 126 8.98 -5.14 -6.09
CA VAL A 126 9.88 -4.23 -5.37
C VAL A 126 9.43 -2.80 -5.60
N THR A 127 9.37 -2.00 -4.54
CA THR A 127 9.17 -0.55 -4.66
C THR A 127 10.43 0.13 -4.15
N PRO A 128 11.16 0.88 -4.98
CA PRO A 128 12.32 1.61 -4.44
C PRO A 128 11.84 2.76 -3.57
N LEU A 129 12.57 3.04 -2.50
CA LEU A 129 12.20 4.12 -1.57
C LEU A 129 12.84 5.43 -2.06
N VAL A 130 12.32 5.89 -3.20
CA VAL A 130 12.65 7.17 -3.80
C VAL A 130 11.34 7.95 -3.81
N LYS A 131 11.36 9.20 -4.29
CA LYS A 131 10.12 9.97 -4.33
C LYS A 131 9.05 9.19 -5.10
N PRO A 132 7.80 9.15 -4.60
CA PRO A 132 7.25 9.94 -3.49
C PRO A 132 7.33 9.32 -2.10
N TYR A 133 8.21 8.35 -1.89
CA TYR A 133 8.26 7.55 -0.67
C TYR A 133 9.35 7.99 0.31
N LYS A 134 9.94 9.16 0.14
CA LYS A 134 11.09 9.49 0.96
C LYS A 134 10.76 9.58 2.45
N SER A 135 9.52 9.91 2.81
CA SER A 135 9.18 9.97 4.23
C SER A 135 9.29 8.61 4.90
N VAL A 136 9.27 7.54 4.12
CA VAL A 136 9.31 6.20 4.67
C VAL A 136 10.70 5.88 5.21
N LEU A 137 11.73 6.54 4.69
CA LEU A 137 13.10 6.21 5.07
C LEU A 137 13.29 6.34 6.58
N ALA A 138 12.90 7.50 7.14
CA ALA A 138 13.04 7.68 8.58
C ALA A 138 12.13 6.76 9.37
N ARG A 139 10.96 6.41 8.84
CA ARG A 139 10.08 5.48 9.53
C ARG A 139 10.72 4.12 9.71
N VAL A 140 11.54 3.70 8.74
CA VAL A 140 12.25 2.43 8.87
C VAL A 140 13.41 2.55 9.83
N VAL A 141 14.24 3.57 9.64
CA VAL A 141 15.44 3.73 10.47
C VAL A 141 15.05 3.86 11.94
N ASP A 142 13.97 4.58 12.22
CA ASP A 142 13.55 4.88 13.58
C ASP A 142 12.54 3.87 14.13
N HIS A 143 12.23 2.82 13.38
CA HIS A 143 11.19 1.91 13.80
C HIS A 143 11.60 1.18 15.08
N GLU A 144 10.68 1.07 16.04
CA GLU A 144 10.97 0.33 17.26
C GLU A 144 11.38 -1.10 16.97
N ASP A 145 10.83 -1.68 15.89
CA ASP A 145 11.10 -3.08 15.56
C ASP A 145 12.13 -3.25 14.44
N ALA A 146 12.85 -2.20 14.09
CA ALA A 146 13.91 -2.31 13.11
C ALA A 146 15.06 -3.17 13.63
N HIS A 147 15.72 -3.85 12.70
CA HIS A 147 16.89 -4.67 12.96
C HIS A 147 18.08 -4.07 12.21
N ASP A 148 19.26 -4.25 12.75
CA ASP A 148 20.48 -3.94 12.03
C ASP A 148 20.96 -5.18 11.30
N GLU A 149 21.13 -5.08 9.98
CA GLU A 149 21.55 -6.21 9.18
C GLU A 149 22.65 -5.75 8.23
N ILE A 150 23.32 -6.73 7.64
CA ILE A 150 24.30 -6.50 6.60
C ILE A 150 23.73 -7.05 5.30
N MET A 151 23.48 -6.16 4.37
CA MET A 151 22.99 -6.52 3.05
C MET A 151 24.18 -6.65 2.12
N GLN A 152 24.26 -7.79 1.44
CA GLN A 152 25.41 -8.14 0.60
C GLN A 152 24.98 -7.97 -0.85
N ASP A 153 25.41 -6.87 -1.46
CA ASP A 153 25.00 -6.48 -2.80
C ASP A 153 26.18 -6.64 -3.76
N ASN A 154 25.91 -7.18 -4.95
CA ASN A 154 26.97 -7.53 -5.88
C ASN A 154 27.70 -6.33 -6.45
N LEU A 155 27.13 -5.12 -6.34
CA LEU A 155 27.76 -3.91 -6.88
C LEU A 155 28.33 -3.01 -5.80
N PHE A 156 27.57 -2.75 -4.74
CA PHE A 156 28.02 -1.87 -3.66
C PHE A 156 28.82 -2.61 -2.59
N GLY A 157 28.79 -3.93 -2.58
CA GLY A 157 29.40 -4.68 -1.50
C GLY A 157 28.49 -4.77 -0.28
N ASP A 158 29.11 -4.88 0.90
CA ASP A 158 28.39 -5.05 2.15
C ASP A 158 27.88 -3.71 2.63
N LEU A 159 26.59 -3.63 2.95
CA LEU A 159 25.96 -2.41 3.40
C LEU A 159 25.25 -2.62 4.72
N ASN A 160 25.50 -1.75 5.70
CA ASN A 160 24.67 -1.69 6.88
C ASN A 160 23.29 -1.20 6.47
N VAL A 161 22.27 -1.95 6.88
CA VAL A 161 20.90 -1.56 6.60
C VAL A 161 20.09 -1.60 7.89
N LYS A 162 19.12 -0.71 7.99
CA LYS A 162 18.03 -0.83 8.94
C LYS A 162 16.92 -1.57 8.22
N VAL A 163 16.36 -2.57 8.87
CA VAL A 163 15.43 -3.47 8.21
C VAL A 163 14.18 -3.61 9.07
N TYR A 164 13.01 -3.38 8.47
CA TYR A 164 11.75 -3.72 9.11
C TYR A 164 11.21 -4.95 8.37
N ARG A 165 11.04 -6.04 9.09
CA ARG A 165 10.53 -7.30 8.54
C ARG A 165 9.09 -7.49 8.99
N GLN A 166 8.15 -7.10 8.14
CA GLN A 166 6.74 -7.31 8.45
C GLN A 166 6.41 -8.78 8.35
N THR A 167 5.63 -9.29 9.30
CA THR A 167 5.17 -10.67 9.26
C THR A 167 3.71 -10.71 9.66
N ALA A 168 3.08 -11.81 9.30
CA ALA A 168 1.75 -12.18 9.72
C ALA A 168 1.77 -13.55 10.35
N TYR A 169 0.72 -13.87 11.08
CA TYR A 169 0.52 -15.20 11.63
C TYR A 169 -0.88 -15.64 11.27
N LEU A 170 -0.99 -16.73 10.53
CA LEU A 170 -2.26 -17.24 10.06
C LEU A 170 -2.29 -18.75 10.22
N HIS A 171 -3.33 -19.25 10.86
CA HIS A 171 -3.51 -20.69 11.04
C HIS A 171 -2.36 -21.30 11.83
N GLY A 172 -1.71 -20.52 12.69
CA GLY A 172 -0.63 -21.05 13.49
C GLY A 172 0.74 -20.96 12.90
N ASN A 173 0.88 -20.37 11.71
CA ASN A 173 2.15 -20.30 11.00
C ASN A 173 2.50 -18.87 10.63
N VAL A 174 3.77 -18.53 10.74
CA VAL A 174 4.25 -17.25 10.25
C VAL A 174 4.18 -17.18 8.74
N ILE A 175 3.89 -15.98 8.25
CA ILE A 175 3.96 -15.64 6.83
C ILE A 175 4.78 -14.37 6.75
N PRO A 176 5.99 -14.39 6.17
CA PRO A 176 6.70 -13.12 5.96
C PRO A 176 5.96 -12.29 4.92
N LEU A 177 5.82 -11.01 5.19
CA LEU A 177 5.13 -10.09 4.29
C LEU A 177 6.17 -9.16 3.65
N ASN A 178 6.07 -7.87 3.89
CA ASN A 178 6.92 -6.87 3.26
C ASN A 178 8.19 -6.67 4.07
N THR A 179 9.32 -6.45 3.40
CA THR A 179 10.59 -6.18 4.06
C THR A 179 11.12 -4.83 3.55
N PHE A 180 11.33 -3.90 4.47
CA PHE A 180 11.86 -2.58 4.17
C PHE A 180 13.33 -2.57 4.53
N ARG A 181 14.14 -1.98 3.67
CA ARG A 181 15.56 -1.79 3.94
C ARG A 181 15.96 -0.36 3.61
N VAL A 182 16.76 0.24 4.51
CA VAL A 182 17.33 1.57 4.32
C VAL A 182 18.81 1.47 4.62
N ALA A 183 19.64 1.84 3.64
CA ALA A 183 21.09 1.78 3.83
C ALA A 183 21.60 3.04 4.54
N THR A 184 22.44 2.84 5.56
CA THR A 184 22.82 3.94 6.43
C THR A 184 24.16 4.60 6.11
N ASP A 185 25.02 3.99 5.28
CA ASP A 185 26.33 4.61 4.97
C ASP A 185 26.18 5.42 3.67
N THR A 186 25.59 6.61 3.83
CA THR A 186 25.17 7.38 2.67
C THR A 186 26.35 8.01 1.93
N GLU A 187 27.43 8.35 2.63
CA GLU A 187 28.58 8.92 1.91
C GLU A 187 29.20 7.87 1.00
N TYR A 188 29.38 6.65 1.49
CA TYR A 188 29.86 5.58 0.62
C TYR A 188 28.94 5.39 -0.56
N LEU A 189 27.63 5.41 -0.34
CA LEU A 189 26.70 5.15 -1.44
C LEU A 189 26.81 6.20 -2.53
N ARG A 190 26.90 7.48 -2.16
CA ARG A 190 27.01 8.51 -3.16
C ARG A 190 28.28 8.33 -3.99
N ASP A 191 29.41 8.09 -3.30
CA ASP A 191 30.67 7.90 -4.02
C ASP A 191 30.64 6.63 -4.85
N ARG A 192 30.14 5.52 -4.28
CA ARG A 192 30.16 4.26 -5.01
C ARG A 192 29.23 4.30 -6.22
N VAL A 193 28.04 4.88 -6.07
CA VAL A 193 27.10 4.87 -7.20
C VAL A 193 27.66 5.70 -8.36
N ALA A 194 28.31 6.83 -8.05
CA ALA A 194 28.98 7.60 -9.08
C ALA A 194 29.96 6.71 -9.84
N HIS A 195 30.81 6.01 -9.10
CA HIS A 195 31.74 5.04 -9.68
C HIS A 195 31.00 4.13 -10.64
N LEU A 196 30.10 3.30 -10.12
CA LEU A 196 29.51 2.23 -10.93
C LEU A 196 28.91 2.72 -12.24
N ARG A 197 28.39 3.94 -12.29
CA ARG A 197 27.61 4.36 -13.45
C ARG A 197 28.45 4.37 -14.73
N THR A 198 29.69 4.85 -14.63
CA THR A 198 30.50 5.01 -15.84
C THR A 198 30.87 3.67 -16.46
N GLU A 199 31.13 2.66 -15.61
CA GLU A 199 31.61 1.38 -16.13
C GLU A 199 30.50 0.63 -16.85
N LEU A 200 29.36 0.47 -16.19
CA LEU A 200 28.28 -0.37 -16.71
C LEU A 200 27.32 0.41 -17.61
N GLY A 201 27.42 1.73 -17.64
CA GLY A 201 26.47 2.54 -18.37
C GLY A 201 25.23 2.79 -17.54
N ALA A 202 24.68 4.00 -17.64
CA ALA A 202 23.45 4.31 -16.90
C ALA A 202 22.41 3.22 -17.08
N LYS A 203 22.45 2.51 -18.21
CA LYS A 203 21.51 1.42 -18.45
C LYS A 203 21.68 0.32 -17.41
N ALA A 204 22.90 -0.21 -17.28
CA ALA A 204 23.11 -1.35 -16.39
C ALA A 204 22.94 -0.98 -14.92
N LEU A 205 23.33 0.23 -14.54
CA LEU A 205 23.10 0.66 -13.17
C LEU A 205 21.61 0.85 -12.90
N LYS A 206 20.87 1.40 -13.87
CA LYS A 206 19.43 1.58 -13.64
C LYS A 206 18.72 0.24 -13.53
N GLN A 207 19.15 -0.75 -14.31
CA GLN A 207 18.60 -2.10 -14.17
C GLN A 207 18.79 -2.62 -12.76
N HIS A 208 19.99 -2.42 -12.21
CA HIS A 208 20.25 -2.87 -10.85
C HIS A 208 19.41 -2.11 -9.85
N LEU A 209 19.31 -0.78 -10.00
CA LEU A 209 18.64 0.01 -8.97
C LEU A 209 17.14 -0.17 -8.99
N GLN A 210 16.52 -0.53 -10.13
CA GLN A 210 15.08 -0.72 -10.10
C GLN A 210 14.69 -1.89 -9.22
N ARG A 211 15.53 -2.92 -9.14
CA ARG A 211 15.23 -4.10 -8.36
C ARG A 211 15.96 -4.12 -7.04
N TYR A 212 17.16 -3.56 -6.98
CA TYR A 212 18.05 -3.66 -5.83
C TYR A 212 18.48 -2.30 -5.31
N ASN A 213 17.61 -1.29 -5.37
CA ASN A 213 17.97 0.00 -4.81
C ASN A 213 18.34 -0.18 -3.34
N PRO A 214 19.41 0.47 -2.87
CA PRO A 214 19.79 0.31 -1.46
C PRO A 214 18.67 0.59 -0.47
N ASP A 215 17.74 1.47 -0.80
CA ASP A 215 16.55 1.72 0.01
C ASP A 215 15.35 1.19 -0.77
N ARG A 216 14.66 0.20 -0.24
CA ARG A 216 13.59 -0.44 -1.01
C ARG A 216 12.63 -1.20 -0.10
N ILE A 217 11.47 -1.51 -0.66
CA ILE A 217 10.54 -2.48 -0.10
C ILE A 217 10.53 -3.70 -1.01
N ASP A 218 10.82 -4.87 -0.47
CA ASP A 218 10.61 -6.15 -1.14
C ASP A 218 9.29 -6.69 -0.65
N HIS A 219 8.33 -6.86 -1.55
CA HIS A 219 6.95 -7.09 -1.15
C HIS A 219 6.66 -8.56 -0.90
N THR A 220 5.55 -8.79 -0.21
CA THR A 220 5.05 -10.14 0.08
C THR A 220 5.19 -11.05 -1.12
N ASN A 221 5.74 -12.23 -0.89
CA ASN A 221 5.90 -13.20 -1.96
C ASN A 221 4.54 -13.53 -2.53
N ALA A 222 4.40 -13.44 -3.85
CA ALA A 222 3.13 -13.71 -4.49
C ALA A 222 2.69 -15.16 -4.33
N SER A 223 3.60 -16.06 -3.96
CA SER A 223 3.21 -17.43 -3.67
C SER A 223 2.27 -17.53 -2.49
N TYR A 224 2.24 -16.53 -1.62
CA TYR A 224 1.32 -16.55 -0.48
C TYR A 224 -0.06 -16.00 -0.82
N LEU A 225 -0.27 -15.50 -2.01
CA LEU A 225 -1.57 -14.90 -2.30
C LEU A 225 -2.73 -15.88 -2.23
N PRO A 226 -2.63 -17.12 -2.67
CA PRO A 226 -3.80 -18.01 -2.51
C PRO A 226 -4.28 -18.12 -1.07
N ILE A 227 -3.38 -18.33 -0.13
CA ILE A 227 -3.82 -18.49 1.25
C ILE A 227 -4.36 -17.17 1.80
N ILE A 228 -3.73 -16.04 1.43
CA ILE A 228 -4.20 -14.76 1.95
C ILE A 228 -5.54 -14.38 1.34
N LYS A 229 -5.74 -14.68 0.05
CA LYS A 229 -7.04 -14.41 -0.57
C LYS A 229 -8.14 -15.20 0.11
N ASP A 230 -7.85 -16.45 0.47
CA ASP A 230 -8.86 -17.24 1.18
C ASP A 230 -9.18 -16.59 2.52
N HIS A 231 -8.16 -16.11 3.23
CA HIS A 231 -8.38 -15.45 4.51
C HIS A 231 -9.20 -14.17 4.34
N LEU A 232 -8.90 -13.38 3.31
CA LEU A 232 -9.67 -12.18 3.05
C LEU A 232 -11.14 -12.50 2.77
N ASN A 233 -11.40 -13.61 2.08
CA ASN A 233 -12.80 -14.02 1.86
C ASN A 233 -13.48 -14.34 3.18
N ASP A 234 -12.76 -15.00 4.11
CA ASP A 234 -13.32 -15.30 5.42
C ASP A 234 -13.59 -14.02 6.22
N LEU A 235 -12.63 -13.09 6.23
CA LEU A 235 -12.86 -11.82 6.90
C LEU A 235 -14.06 -11.09 6.34
N TYR A 236 -14.20 -11.07 5.01
CA TYR A 236 -15.32 -10.39 4.36
C TYR A 236 -16.64 -11.01 4.79
N ARG A 237 -16.72 -12.33 4.80
CA ARG A 237 -17.97 -12.97 5.20
C ARG A 237 -18.29 -12.62 6.64
N GLN A 238 -17.27 -12.54 7.50
CA GLN A 238 -17.53 -12.13 8.87
C GLN A 238 -18.02 -10.70 8.92
N ALA A 239 -17.45 -9.83 8.10
CA ALA A 239 -17.66 -8.40 8.20
C ALA A 239 -18.99 -7.94 7.63
N ILE A 240 -19.67 -8.77 6.87
CA ILE A 240 -20.99 -8.43 6.34
C ILE A 240 -22.10 -9.05 7.18
N SER A 241 -21.76 -9.54 8.37
CA SER A 241 -22.77 -10.03 9.30
C SER A 241 -23.52 -8.86 9.92
N SER A 242 -24.77 -9.12 10.31
CA SER A 242 -25.66 -8.09 10.80
C SER A 242 -25.68 -8.01 12.33
N ASP A 243 -24.82 -8.77 13.01
CA ASP A 243 -24.86 -8.89 14.46
C ASP A 243 -23.66 -8.26 15.17
N LEU A 244 -22.75 -7.65 14.44
CA LEU A 244 -21.54 -7.12 15.06
C LEU A 244 -21.82 -5.79 15.74
N SER A 245 -21.05 -5.50 16.79
CA SER A 245 -21.05 -4.16 17.34
C SER A 245 -20.23 -3.24 16.44
N GLN A 246 -20.40 -1.93 16.60
CA GLN A 246 -19.62 -1.01 15.79
C GLN A 246 -18.13 -1.20 16.04
N ALA A 247 -17.75 -1.46 17.30
CA ALA A 247 -16.34 -1.68 17.62
C ALA A 247 -15.81 -2.92 16.91
N GLU A 248 -16.57 -4.02 16.94
CA GLU A 248 -16.14 -5.24 16.27
C GLU A 248 -16.06 -5.04 14.76
N LEU A 249 -17.00 -4.29 14.19
CA LEU A 249 -16.98 -4.03 12.76
C LEU A 249 -15.75 -3.21 12.38
N ILE A 250 -15.45 -2.15 13.12
CA ILE A 250 -14.31 -1.33 12.77
C ILE A 250 -13.01 -2.14 12.87
N SER A 251 -12.92 -3.03 13.86
CA SER A 251 -11.73 -3.86 13.95
C SER A 251 -11.63 -4.80 12.76
N LEU A 252 -12.75 -5.37 12.32
CA LEU A 252 -12.71 -6.26 11.17
C LEU A 252 -12.37 -5.52 9.88
N ILE A 253 -12.86 -4.30 9.75
CA ILE A 253 -12.50 -3.45 8.61
C ILE A 253 -11.01 -3.16 8.61
N ALA A 254 -10.46 -2.79 9.79
CA ALA A 254 -9.03 -2.52 9.91
C ALA A 254 -8.20 -3.75 9.53
N ARG A 255 -8.64 -4.92 9.97
CA ARG A 255 -7.92 -6.15 9.70
C ARG A 255 -7.95 -6.49 8.24
N THR A 256 -9.11 -6.31 7.61
CA THR A 256 -9.24 -6.55 6.19
C THR A 256 -8.35 -5.62 5.41
N HIS A 257 -8.35 -4.33 5.76
CA HIS A 257 -7.46 -3.36 5.14
C HIS A 257 -6.00 -3.79 5.29
N TRP A 258 -5.61 -4.18 6.50
CA TRP A 258 -4.23 -4.59 6.75
C TRP A 258 -3.80 -5.74 5.86
N TRP A 259 -4.61 -6.79 5.82
CA TRP A 259 -4.25 -7.97 5.03
C TRP A 259 -4.20 -7.64 3.55
N ALA A 260 -5.18 -6.88 3.06
CA ALA A 260 -5.22 -6.61 1.63
C ALA A 260 -4.08 -5.69 1.22
N ALA A 261 -3.84 -4.61 1.96
CA ALA A 261 -2.76 -3.70 1.62
C ALA A 261 -1.41 -4.37 1.77
N SER A 262 -1.24 -5.16 2.83
CA SER A 262 0.07 -5.78 3.07
C SER A 262 0.34 -6.90 2.10
N ALA A 263 -0.68 -7.63 1.69
CA ALA A 263 -0.49 -8.67 0.69
C ALA A 263 -0.12 -8.09 -0.66
N MET A 264 -0.62 -6.87 -0.95
CA MET A 264 -0.40 -6.18 -2.20
C MET A 264 -0.67 -7.13 -3.36
N PRO A 265 -1.93 -7.55 -3.57
CA PRO A 265 -2.20 -8.65 -4.52
C PRO A 265 -1.92 -8.35 -5.96
N ASP A 266 -2.01 -7.10 -6.38
CA ASP A 266 -1.94 -6.77 -7.79
C ASP A 266 -0.64 -6.05 -8.12
N GLN A 267 -0.34 -6.00 -9.43
CA GLN A 267 0.95 -5.46 -9.85
C GLN A 267 1.01 -3.96 -9.62
N ARG A 268 -0.11 -3.26 -9.83
CA ARG A 268 -0.23 -1.84 -9.50
C ARG A 268 -1.60 -1.62 -8.89
N GLY A 269 -1.71 -0.58 -8.06
CA GLY A 269 -3.01 -0.13 -7.59
C GLY A 269 -3.53 -0.82 -6.37
N SER A 270 -2.75 -1.68 -5.72
CA SER A 270 -3.27 -2.45 -4.60
C SER A 270 -3.70 -1.55 -3.45
N ALA A 271 -2.93 -0.49 -3.16
CA ALA A 271 -3.27 0.35 -2.02
C ALA A 271 -4.64 0.98 -2.22
N ALA A 272 -4.90 1.53 -3.40
CA ALA A 272 -6.19 2.14 -3.68
C ALA A 272 -7.30 1.11 -3.57
N LYS A 273 -7.09 -0.08 -4.11
CA LYS A 273 -8.11 -1.12 -4.09
C LYS A 273 -8.40 -1.56 -2.66
N ALA A 274 -7.36 -1.66 -1.83
CA ALA A 274 -7.57 -2.09 -0.46
C ALA A 274 -8.37 -1.05 0.32
N GLU A 275 -8.05 0.22 0.13
CA GLU A 275 -8.81 1.27 0.80
C GLU A 275 -10.24 1.30 0.30
N PHE A 276 -10.45 1.17 -1.01
CA PHE A 276 -11.80 1.09 -1.57
C PHE A 276 -12.58 0.00 -0.89
N ALA A 277 -12.01 -1.20 -0.83
CA ALA A 277 -12.72 -2.34 -0.26
C ALA A 277 -13.05 -2.11 1.20
N ALA A 278 -12.09 -1.63 1.98
CA ALA A 278 -12.34 -1.40 3.41
C ALA A 278 -13.49 -0.41 3.59
N ARG A 279 -13.44 0.69 2.84
CA ARG A 279 -14.47 1.71 2.97
C ARG A 279 -15.81 1.24 2.48
N ALA A 280 -15.83 0.40 1.45
CA ALA A 280 -17.08 -0.13 0.94
C ALA A 280 -17.76 -1.01 1.99
N ILE A 281 -16.99 -1.83 2.67
CA ILE A 281 -17.53 -2.65 3.73
C ILE A 281 -18.10 -1.76 4.83
N ALA A 282 -17.36 -0.73 5.24
CA ALA A 282 -17.90 0.20 6.24
C ALA A 282 -19.20 0.81 5.77
N SER A 283 -19.25 1.26 4.53
CA SER A 283 -20.43 1.96 4.04
C SER A 283 -21.63 1.03 3.97
N ALA A 284 -21.41 -0.26 3.74
CA ALA A 284 -22.52 -1.20 3.72
C ALA A 284 -23.24 -1.20 5.06
N HIS A 285 -22.54 -0.89 6.14
CA HIS A 285 -23.12 -0.84 7.47
C HIS A 285 -23.56 0.55 7.87
N GLY A 286 -23.53 1.52 6.96
CA GLY A 286 -23.94 2.86 7.29
C GLY A 286 -22.87 3.69 7.97
N ILE A 287 -21.65 3.21 8.00
CA ILE A 287 -20.53 3.92 8.56
C ILE A 287 -19.91 4.75 7.46
N GLU A 288 -19.70 6.02 7.73
CA GLU A 288 -19.11 6.98 6.81
C GLU A 288 -17.72 7.33 7.34
N LEU A 289 -16.74 6.54 6.99
CA LEU A 289 -15.40 6.75 7.53
C LEU A 289 -14.80 8.00 6.92
N PRO A 290 -14.07 8.79 7.71
CA PRO A 290 -13.49 10.01 7.20
C PRO A 290 -12.20 9.70 6.43
N PRO A 291 -11.61 10.71 5.80
CA PRO A 291 -10.31 10.51 5.18
C PRO A 291 -9.25 10.10 6.20
N PHE A 292 -8.21 9.43 5.69
CA PHE A 292 -7.00 9.29 6.49
C PHE A 292 -6.40 10.66 6.78
N ARG A 293 -5.78 10.81 7.95
CA ARG A 293 -5.17 12.07 8.34
C ARG A 293 -4.03 12.45 7.41
N ASN A 294 -3.81 13.76 7.27
CA ASN A 294 -2.61 14.25 6.61
C ASN A 294 -1.39 13.60 7.23
N GLY A 295 -0.52 13.07 6.38
CA GLY A 295 0.68 12.39 6.79
C GLY A 295 0.54 10.90 7.01
N ASN A 296 -0.67 10.35 6.95
CA ASN A 296 -0.90 8.92 7.12
C ASN A 296 -1.31 8.30 5.78
N VAL A 297 -0.39 7.58 5.15
CA VAL A 297 -0.65 6.90 3.89
C VAL A 297 -0.96 5.45 4.29
N SER A 298 -2.21 5.05 4.17
CA SER A 298 -2.73 3.88 4.87
C SER A 298 -1.99 2.60 4.53
N ASP A 299 -1.65 2.38 3.26
CA ASP A 299 -0.99 1.12 2.92
C ASP A 299 0.38 1.04 3.51
N ILE A 300 1.09 2.16 3.57
CA ILE A 300 2.41 2.20 4.18
C ILE A 300 2.30 2.01 5.69
N GLU A 301 1.31 2.65 6.32
CA GLU A 301 1.08 2.41 7.73
C GLU A 301 0.81 0.95 7.99
N ALA A 302 0.03 0.30 7.13
CA ALA A 302 -0.22 -1.14 7.27
C ALA A 302 1.07 -1.93 7.14
N MET A 303 1.85 -1.68 6.10
CA MET A 303 3.06 -2.46 5.85
C MET A 303 4.11 -2.28 6.92
N LEU A 304 4.08 -1.17 7.67
CA LEU A 304 4.99 -0.89 8.75
C LEU A 304 4.49 -1.41 10.10
N SER A 305 3.46 -2.23 10.13
CA SER A 305 2.90 -2.66 11.40
C SER A 305 2.55 -4.14 11.36
N GLY A 306 2.55 -4.73 12.54
CA GLY A 306 1.91 -6.01 12.71
C GLY A 306 0.40 -5.85 12.75
N GLU A 307 -0.31 -6.98 12.63
CA GLU A 307 -1.76 -6.94 12.45
C GLU A 307 -2.47 -6.30 13.63
N GLU A 308 -2.22 -6.76 14.84
CA GLU A 308 -2.98 -6.24 15.98
C GLU A 308 -2.60 -4.79 16.26
N GLU A 309 -1.33 -4.43 16.10
CA GLU A 309 -0.88 -3.04 16.19
C GLU A 309 -1.70 -2.16 15.27
N PHE A 310 -1.88 -2.61 14.03
CA PHE A 310 -2.60 -1.82 13.05
C PHE A 310 -4.07 -1.70 13.44
N VAL A 311 -4.69 -2.81 13.82
CA VAL A 311 -6.08 -2.75 14.25
C VAL A 311 -6.25 -1.76 15.38
N GLU A 312 -5.34 -1.76 16.35
CA GLU A 312 -5.49 -0.88 17.49
C GLU A 312 -5.28 0.57 17.13
N LYS A 313 -4.47 0.87 16.13
CA LYS A 313 -4.20 2.26 15.76
C LYS A 313 -5.11 2.77 14.64
N TYR A 314 -5.95 1.91 14.05
CA TYR A 314 -6.64 2.30 12.83
C TYR A 314 -7.48 3.56 13.04
N ARG A 315 -8.28 3.59 14.10
CA ARG A 315 -9.12 4.76 14.33
C ARG A 315 -8.29 6.04 14.39
N SER A 316 -7.11 5.98 15.02
CA SER A 316 -6.25 7.14 15.16
C SER A 316 -5.66 7.60 13.84
N LEU A 317 -5.64 6.73 12.84
CA LEU A 317 -5.14 7.12 11.52
C LEU A 317 -6.17 7.91 10.74
N LEU A 318 -7.44 7.81 11.12
CA LEU A 318 -8.54 8.45 10.42
C LEU A 318 -8.81 9.81 11.02
N ASP A 319 -9.13 10.77 10.16
CA ASP A 319 -9.35 12.12 10.65
C ASP A 319 -10.79 12.31 11.13
N SER A 320 -11.04 11.86 12.35
CA SER A 320 -12.36 11.94 12.96
C SER A 320 -12.59 13.22 13.76
N ASP A 321 -11.76 14.24 13.57
CA ASP A 321 -11.91 15.48 14.30
C ASP A 321 -13.04 16.32 13.70
N CYS A 322 -13.67 17.14 14.54
CA CYS A 322 -14.72 18.04 14.05
C CYS A 322 -14.17 19.46 13.88
N ALA B 1 27.41 13.61 6.55
CA ALA B 1 26.98 12.63 5.51
C ALA B 1 25.59 13.00 5.02
N PRO B 2 25.26 12.62 3.79
CA PRO B 2 23.90 12.88 3.28
C PRO B 2 22.83 12.23 4.14
N LYS B 3 21.66 12.85 4.15
CA LYS B 3 20.48 12.21 4.71
C LYS B 3 20.22 10.88 4.00
N PHE B 4 19.46 10.01 4.66
CA PHE B 4 19.09 8.75 4.03
C PHE B 4 18.38 9.03 2.71
N GLY B 5 18.69 8.22 1.70
CA GLY B 5 18.15 8.40 0.38
C GLY B 5 18.78 9.50 -0.45
N ASP B 6 19.49 10.45 0.16
CA ASP B 6 20.03 11.58 -0.57
C ASP B 6 21.41 11.30 -1.17
N TRP B 7 21.85 10.05 -1.16
CA TRP B 7 23.05 9.64 -1.86
C TRP B 7 22.83 9.53 -3.38
N ASP B 8 21.60 9.68 -3.85
CA ASP B 8 21.21 9.34 -5.21
C ASP B 8 20.89 10.58 -6.03
N GLU B 9 21.77 11.58 -6.01
CA GLU B 9 21.47 12.87 -6.61
C GLU B 9 22.11 13.01 -7.99
N ASN B 10 21.37 13.64 -8.90
CA ASN B 10 21.82 13.86 -10.28
C ASN B 10 22.34 12.57 -10.88
N ASN B 11 21.64 11.48 -10.64
CA ASN B 11 22.01 10.17 -11.14
C ASN B 11 21.08 9.82 -12.29
N PRO B 12 21.57 9.69 -13.52
CA PRO B 12 20.66 9.32 -14.62
C PRO B 12 20.14 7.90 -14.50
N SER B 13 20.69 7.10 -13.59
CA SER B 13 20.25 5.73 -13.38
C SER B 13 19.30 5.56 -12.22
N SER B 14 18.80 6.66 -11.65
CA SER B 14 17.94 6.59 -10.48
C SER B 14 16.70 5.76 -10.77
N ALA B 15 16.27 4.98 -9.78
CA ALA B 15 15.08 4.18 -9.97
C ALA B 15 13.82 5.05 -9.96
N ASP B 16 12.82 4.61 -10.72
CA ASP B 16 11.52 5.26 -10.71
C ASP B 16 10.69 4.80 -9.50
N GLY B 17 9.87 5.72 -8.98
CA GLY B 17 9.20 5.52 -7.71
C GLY B 17 7.82 4.89 -7.71
N TYR B 18 7.76 3.61 -8.06
CA TYR B 18 6.52 2.83 -8.02
C TYR B 18 6.90 1.36 -8.00
N THR B 19 5.91 0.50 -7.82
CA THR B 19 6.16 -0.93 -7.73
C THR B 19 6.52 -1.53 -9.09
N HIS B 20 7.62 -2.25 -9.14
CA HIS B 20 8.04 -2.96 -10.35
C HIS B 20 8.04 -4.44 -10.06
N ILE B 21 7.90 -5.21 -11.11
CA ILE B 21 7.74 -6.65 -11.06
C ILE B 21 8.84 -7.30 -11.88
N PHE B 22 9.46 -8.36 -11.34
CA PHE B 22 10.57 -9.05 -11.98
C PHE B 22 10.40 -10.55 -11.85
N ASN B 23 10.95 -11.28 -12.81
CA ASN B 23 10.98 -12.74 -12.70
C ASN B 23 11.84 -13.16 -11.53
N LYS B 24 11.36 -14.13 -10.78
CA LYS B 24 12.17 -14.71 -9.70
C LYS B 24 13.48 -15.26 -10.25
N VAL B 25 14.56 -15.09 -9.48
CA VAL B 25 15.91 -15.53 -9.85
C VAL B 25 16.03 -17.05 -9.66
C1 EDO C . 4.63 7.18 5.97
O1 EDO C . 5.68 8.10 5.72
C2 EDO C . 3.35 7.88 5.57
O2 EDO C . 2.26 7.20 6.20
H11 EDO C . 4.77 6.26 5.39
H12 EDO C . 4.62 6.91 7.03
HO1 EDO C . 6.53 7.71 5.98
H21 EDO C . 3.38 8.93 5.88
H22 EDO C . 3.23 7.86 4.49
HO2 EDO C . 1.88 6.56 5.59
C1 EDO D . 3.49 -0.02 -2.78
O1 EDO D . 3.12 1.30 -3.25
C2 EDO D . 2.71 -0.43 -1.52
O2 EDO D . 1.28 -0.39 -1.65
H11 EDO D . 3.30 -0.74 -3.57
H12 EDO D . 4.56 -0.03 -2.56
HO1 EDO D . 3.59 1.48 -4.07
H21 EDO D . 3.01 -1.45 -1.26
H22 EDO D . 3.02 0.23 -0.70
HO2 EDO D . 0.87 -0.63 -0.80
C1 EDO E . -4.06 6.00 -0.77
O1 EDO E . -2.89 6.19 0.03
C2 EDO E . -4.50 4.53 -0.81
O2 EDO E . -4.80 4.04 0.50
H11 EDO E . -4.89 6.60 -0.37
H12 EDO E . -3.87 6.35 -1.79
HO1 EDO E . -2.63 7.12 0.00
H21 EDO E . -5.38 4.42 -1.45
H22 EDO E . -3.69 3.93 -1.24
HO2 EDO E . -5.15 3.15 0.43
C1 EDO F . -3.87 12.01 -3.88
O1 EDO F . -2.95 12.42 -2.86
C2 EDO F . -3.51 10.63 -4.42
O2 EDO F . -4.68 9.85 -4.63
H11 EDO F . -4.89 11.97 -3.46
H12 EDO F . -3.87 12.73 -4.69
HO1 EDO F . -3.21 13.30 -2.53
H21 EDO F . -2.98 10.75 -5.37
H22 EDO F . -2.84 10.13 -3.73
HO2 EDO F . -4.46 9.04 -5.11
C1 EDO G . -2.77 7.13 -4.83
O1 EDO G . -1.37 7.39 -4.58
C2 EDO G . -3.04 5.63 -4.92
O2 EDO G . -2.88 5.01 -3.63
H11 EDO G . -3.37 7.58 -4.03
H12 EDO G . -3.06 7.61 -5.77
HO1 EDO G . -1.23 8.35 -4.53
H21 EDO G . -4.06 5.47 -5.28
H22 EDO G . -2.35 5.18 -5.63
HO2 EDO G . -3.08 4.06 -3.70
C1 EDO H . 0.26 5.32 -1.99
O1 EDO H . -0.81 4.78 -1.21
C2 EDO H . 1.54 4.51 -1.81
O2 EDO H . 1.30 3.14 -2.16
H11 EDO H . -0.02 5.32 -3.04
H12 EDO H . 0.45 6.36 -1.69
HO1 EDO H . -1.59 5.34 -1.32
H21 EDO H . 2.33 4.92 -2.42
H22 EDO H . 1.86 4.56 -0.76
HO2 EDO H . 2.13 2.64 -2.07
C1 EDO I . -25.67 5.96 -3.07
O1 EDO I . -24.55 5.12 -3.42
C2 EDO I . -25.83 5.89 -1.55
O2 EDO I . -26.76 4.86 -1.20
H11 EDO I . -25.49 6.98 -3.38
H12 EDO I . -26.57 5.60 -3.56
HO1 EDO I . -24.43 5.15 -4.39
H21 EDO I . -24.87 5.68 -1.08
H22 EDO I . -26.19 6.85 -1.17
HO2 EDO I . -26.88 4.83 -0.24
C1 EDO J . -7.54 -9.86 -3.66
O1 EDO J . -6.60 -10.65 -4.41
C2 EDO J . -8.96 -10.40 -3.82
O2 EDO J . -9.06 -11.84 -3.80
H11 EDO J . -7.26 -9.86 -2.59
H12 EDO J . -7.51 -8.82 -4.00
HO1 EDO J . -5.70 -10.42 -4.14
H21 EDO J . -9.38 -10.03 -4.76
H22 EDO J . -9.58 -10.00 -3.01
HO2 EDO J . -9.97 -12.10 -3.91
C1 EDO K . 2.71 -20.85 5.53
O1 EDO K . 2.45 -19.87 6.55
C2 EDO K . 3.86 -21.75 5.98
O2 EDO K . 3.34 -22.97 6.53
H11 EDO K . 1.81 -21.45 5.36
H12 EDO K . 2.97 -20.35 4.60
HO1 EDO K . 1.66 -19.37 6.32
H21 EDO K . 4.50 -21.98 5.13
H22 EDO K . 4.46 -21.24 6.73
HO2 EDO K . 4.06 -23.54 6.79
C1 EDO L . -31.19 3.43 -2.05
O1 EDO L . -30.39 4.60 -2.25
C2 EDO L . -31.57 3.28 -0.59
O2 EDO L . -31.84 1.90 -0.33
H11 EDO L . -32.08 3.49 -2.66
H12 EDO L . -30.62 2.55 -2.36
HO1 EDO L . -30.23 4.72 -3.19
H21 EDO L . -30.76 3.64 0.06
H22 EDO L . -32.46 3.88 -0.37
HO2 EDO L . -32.24 1.81 0.54
C1 EDO M . 1.37 7.76 11.42
O1 EDO M . 0.68 8.56 12.40
C2 EDO M . 2.23 6.72 12.14
O2 EDO M . 1.42 5.71 12.71
H11 EDO M . 0.63 7.26 10.78
H12 EDO M . 1.99 8.40 10.80
HO1 EDO M . 0.17 9.25 11.96
H21 EDO M . 2.94 6.29 11.41
H22 EDO M . 2.82 7.22 12.91
HO2 EDO M . 1.99 5.06 13.15
C1 EDO N . -15.20 -12.54 -8.34
O1 EDO N . -14.95 -11.57 -9.37
C2 EDO N . -14.78 -13.93 -8.83
O2 EDO N . -14.21 -14.66 -7.74
H11 EDO N . -14.63 -12.27 -7.45
H12 EDO N . -16.25 -12.55 -8.09
HO1 EDO N . -15.23 -10.70 -9.07
H21 EDO N . -15.64 -14.46 -9.22
H22 EDO N . -14.05 -13.83 -9.64
HO2 EDO N . -13.89 -15.52 -8.05
C1 EDO O . -12.77 7.16 12.76
O1 EDO O . -12.19 7.28 14.07
C2 EDO O . -14.28 6.90 12.85
O2 EDO O . -14.50 5.57 13.33
H11 EDO O . -12.59 8.08 12.20
H12 EDO O . -12.30 6.33 12.22
HO1 EDO O . -11.24 7.42 13.98
H21 EDO O . -14.73 7.63 13.52
H22 EDO O . -14.73 7.02 11.86
HO2 EDO O . -15.45 5.40 13.36
C TRS P . 7.00 -8.32 13.10
C1 TRS P . 7.85 -7.04 13.21
C2 TRS P . 5.54 -7.91 12.88
C3 TRS P . 7.12 -9.04 14.46
N TRS P . 7.62 -9.19 11.89
O1 TRS P . 9.21 -7.39 13.39
O2 TRS P . 5.39 -7.33 11.61
O3 TRS P . 6.26 -10.16 14.49
H11 TRS P . 7.75 -6.44 12.29
H12 TRS P . 7.51 -6.43 14.05
H21 TRS P . 4.89 -8.79 12.96
H22 TRS P . 5.23 -7.21 13.65
H31 TRS P . 8.14 -9.35 14.64
H32 TRS P . 6.84 -8.34 15.26
HN1 TRS P . 8.61 -9.44 11.89
HN2 TRS P . 7.59 -8.81 10.94
HN3 TRS P . 7.25 -10.10 11.68
HO1 TRS P . 9.76 -6.58 13.45
HO2 TRS P . 6.27 -7.22 11.20
HO3 TRS P . 5.99 -10.39 13.57
#